data_4HI6
#
_entry.id   4HI6
#
_cell.length_a   158.066
_cell.length_b   158.066
_cell.length_c   103.714
_cell.angle_alpha   90.00
_cell.angle_beta   90.00
_cell.angle_gamma   120.00
#
_symmetry.space_group_name_H-M   'H 3'
#
loop_
_entity.id
_entity.type
_entity.pdbx_description
1 polymer 'Matrix protein'
2 non-polymer "GUANOSINE-3'-MONOPHOSPHATE"
3 non-polymer 'CHLORIDE ION'
4 water water
#
_entity_poly.entity_id   1
_entity_poly.type   'polypeptide(L)'
_entity_poly.pdbx_seq_one_letter_code
;MNSKHSYVELKDKVIVPGWPTLMLEIDFVGGTSRNQFLNIPFLSVKEPLQLPREKKLTDYFTIDVEPAGHSLVNIYFQID
DFLLLTLNSLSVYKDPIRKYMFLRLNKEQSKWAINAAFNVFSYRLRNIGVGPLGPDIRSSGP
;
_entity_poly.pdbx_strand_id   A,B,C,D
#
# COMPACT_ATOMS: atom_id res chain seq x y z
N HIS A 5 -25.72 -2.65 23.89
CA HIS A 5 -25.40 -1.71 22.78
C HIS A 5 -24.57 -2.38 21.68
N SER A 6 -24.29 -1.64 20.61
CA SER A 6 -23.33 -2.07 19.60
C SER A 6 -22.34 -0.94 19.31
N TYR A 7 -21.29 -1.27 18.56
CA TYR A 7 -20.26 -0.32 18.20
C TYR A 7 -20.47 0.10 16.75
N VAL A 8 -20.86 1.35 16.54
CA VAL A 8 -21.27 1.82 15.20
C VAL A 8 -20.11 2.39 14.40
N GLU A 9 -20.09 2.07 13.12
CA GLU A 9 -18.99 2.48 12.25
C GLU A 9 -19.07 3.98 12.04
N LEU A 10 -17.95 4.66 12.26
CA LEU A 10 -17.77 6.05 11.82
C LEU A 10 -17.13 6.04 10.43
N LYS A 11 -17.96 6.17 9.39
CA LYS A 11 -17.55 5.95 8.00
C LYS A 11 -16.81 7.12 7.41
N ASP A 12 -16.15 6.84 6.27
CA ASP A 12 -15.33 7.83 5.59
C ASP A 12 -16.08 9.12 5.27
N LYS A 13 -17.37 9.00 4.92
CA LYS A 13 -18.21 10.11 4.46
C LYS A 13 -18.34 11.30 5.43
N VAL A 14 -17.94 11.12 6.69
CA VAL A 14 -17.87 12.23 7.62
C VAL A 14 -16.68 13.12 7.35
N ILE A 15 -15.81 12.69 6.44
CA ILE A 15 -14.78 13.58 5.94
C ILE A 15 -15.32 14.27 4.70
N VAL A 16 -15.45 15.59 4.79
CA VAL A 16 -16.02 16.40 3.72
C VAL A 16 -14.91 17.33 3.26
N PRO A 17 -14.32 17.05 2.09
CA PRO A 17 -13.21 17.85 1.58
C PRO A 17 -13.45 19.35 1.56
N GLY A 18 -12.44 20.12 1.96
CA GLY A 18 -12.54 21.59 1.99
C GLY A 18 -12.91 22.18 3.34
N TRP A 19 -13.33 21.33 4.28
CA TRP A 19 -13.68 21.74 5.64
C TRP A 19 -12.59 21.45 6.62
N PRO A 20 -12.35 22.36 7.58
CA PRO A 20 -11.22 21.99 8.43
C PRO A 20 -11.34 20.55 8.95
N THR A 21 -10.22 19.97 9.38
CA THR A 21 -10.15 18.57 9.81
C THR A 21 -9.88 18.44 11.31
N LEU A 22 -10.57 17.49 11.96
CA LEU A 22 -10.16 17.01 13.27
C LEU A 22 -9.36 15.71 13.08
N MET A 23 -8.14 15.65 13.62
CA MET A 23 -7.23 14.51 13.45
C MET A 23 -6.99 13.83 14.80
N LEU A 24 -7.10 12.50 14.82
CA LEU A 24 -6.73 11.68 15.96
C LEU A 24 -5.30 11.19 15.74
N GLU A 25 -4.37 11.66 16.57
CA GLU A 25 -3.00 11.20 16.56
C GLU A 25 -2.79 10.14 17.62
N ILE A 26 -2.19 9.03 17.23
CA ILE A 26 -1.91 7.94 18.16
C ILE A 26 -0.41 7.64 18.14
N ASP A 27 0.16 7.49 19.34
CA ASP A 27 1.53 7.03 19.48
C ASP A 27 1.54 5.71 20.24
N PHE A 28 2.39 4.79 19.78
CA PHE A 28 2.43 3.48 20.38
C PHE A 28 3.68 3.32 21.23
N VAL A 29 3.56 2.39 22.17
CA VAL A 29 4.61 2.08 23.10
C VAL A 29 5.76 1.46 22.33
N GLY A 30 6.94 2.02 22.52
CA GLY A 30 8.14 1.57 21.85
C GLY A 30 8.36 2.26 20.52
N GLY A 31 7.54 3.27 20.23
CA GLY A 31 7.72 4.12 19.05
C GLY A 31 8.82 5.12 19.33
N THR A 32 9.77 5.23 18.39
CA THR A 32 11.02 5.98 18.59
C THR A 32 11.17 7.19 17.66
N SER A 33 10.41 7.23 16.57
CA SER A 33 10.81 8.05 15.40
C SER A 33 9.76 9.00 14.79
N ARG A 34 8.59 9.14 15.41
CA ARG A 34 7.60 10.17 15.04
C ARG A 34 6.86 9.97 13.71
N ASN A 35 7.57 9.52 12.67
CA ASN A 35 6.91 9.02 11.46
C ASN A 35 6.27 7.65 11.73
N GLN A 36 6.27 7.24 13.00
CA GLN A 36 5.54 6.07 13.44
C GLN A 36 4.20 6.42 14.10
N PHE A 37 3.91 7.70 14.28
CA PHE A 37 2.58 8.09 14.78
C PHE A 37 1.54 7.67 13.76
N LEU A 38 0.41 7.21 14.27
CA LEU A 38 -0.74 6.92 13.45
C LEU A 38 -1.62 8.16 13.52
N ASN A 39 -1.75 8.84 12.38
CA ASN A 39 -2.56 10.03 12.24
C ASN A 39 -3.75 9.68 11.36
N ILE A 40 -4.95 9.95 11.88
CA ILE A 40 -6.22 9.57 11.24
C ILE A 40 -7.13 10.78 11.07
N PRO A 41 -7.45 11.13 9.80
CA PRO A 41 -8.42 12.22 9.71
C PRO A 41 -9.77 11.74 10.21
N PHE A 42 -10.22 12.38 11.30
CA PHE A 42 -11.25 11.80 12.14
C PHE A 42 -12.62 12.36 11.80
N LEU A 43 -12.71 13.67 11.71
CA LEU A 43 -13.96 14.33 11.43
C LEU A 43 -13.68 15.66 10.77
N SER A 44 -14.54 16.04 9.84
CA SER A 44 -14.53 17.38 9.32
C SER A 44 -15.41 18.21 10.25
N VAL A 45 -14.92 19.39 10.61
CA VAL A 45 -15.61 20.27 11.57
C VAL A 45 -15.80 21.66 10.98
N LYS A 46 -16.89 22.33 11.38
CA LYS A 46 -17.18 23.69 10.89
C LYS A 46 -16.23 24.74 11.45
N GLU A 47 -15.71 24.47 12.65
CA GLU A 47 -14.74 25.33 13.33
C GLU A 47 -13.83 24.42 14.17
N PRO A 48 -12.67 24.93 14.59
CA PRO A 48 -11.76 24.04 15.30
C PRO A 48 -12.32 23.67 16.68
N LEU A 49 -11.96 22.48 17.17
CA LEU A 49 -12.34 22.06 18.50
C LEU A 49 -11.50 22.79 19.55
N GLN A 50 -12.13 23.03 20.71
CA GLN A 50 -11.50 23.64 21.86
C GLN A 50 -12.17 23.03 23.08
N LEU A 51 -11.45 22.17 23.79
CA LEU A 51 -11.98 21.58 25.02
C LEU A 51 -11.56 22.43 26.21
N PRO A 52 -12.41 22.49 27.26
CA PRO A 52 -12.02 23.18 28.47
C PRO A 52 -10.64 22.72 28.95
N ARG A 53 -9.65 23.58 28.74
CA ARG A 53 -8.26 23.37 29.23
C ARG A 53 -8.20 22.69 30.61
N GLU A 54 -9.25 22.87 31.41
CA GLU A 54 -9.40 22.18 32.70
C GLU A 54 -9.54 20.66 32.49
N LYS A 55 -10.44 20.26 31.59
CA LYS A 55 -10.74 18.86 31.32
C LYS A 55 -9.65 18.18 30.48
N LYS A 56 -9.52 16.87 30.67
CA LYS A 56 -8.55 16.04 29.92
C LYS A 56 -9.28 15.27 28.83
N LEU A 57 -8.58 14.90 27.77
CA LEU A 57 -9.20 14.11 26.69
C LEU A 57 -9.49 12.69 27.20
N THR A 58 -8.55 12.15 27.96
CA THR A 58 -8.63 10.78 28.47
C THR A 58 -9.91 10.49 29.29
N ASP A 59 -10.53 11.52 29.88
CA ASP A 59 -11.75 11.34 30.66
C ASP A 59 -13.02 11.37 29.80
N TYR A 60 -12.93 12.01 28.63
CA TYR A 60 -14.06 12.11 27.70
C TYR A 60 -13.93 11.22 26.47
N PHE A 61 -12.74 10.68 26.24
CA PHE A 61 -12.47 9.96 24.99
C PHE A 61 -11.53 8.79 25.22
N THR A 62 -12.08 7.57 25.22
CA THR A 62 -11.26 6.36 25.32
C THR A 62 -11.08 5.77 23.93
N ILE A 63 -9.87 5.31 23.63
CA ILE A 63 -9.61 4.59 22.38
C ILE A 63 -9.12 3.18 22.66
N ASP A 64 -9.35 2.29 21.71
CA ASP A 64 -8.79 0.95 21.81
C ASP A 64 -8.50 0.32 20.45
N VAL A 65 -7.25 -0.11 20.26
CA VAL A 65 -6.78 -0.70 19.00
C VAL A 65 -6.86 -2.24 19.01
N GLU A 66 -7.63 -2.81 18.09
CA GLU A 66 -7.70 -4.26 17.95
C GLU A 66 -7.31 -4.75 16.56
N PRO A 67 -6.80 -5.99 16.46
CA PRO A 67 -6.61 -6.62 15.15
C PRO A 67 -7.94 -6.94 14.46
N ALA A 68 -7.96 -6.84 13.13
CA ALA A 68 -9.13 -7.19 12.35
C ALA A 68 -8.81 -8.06 11.11
N GLY A 69 -7.55 -8.46 10.96
CA GLY A 69 -7.11 -9.26 9.83
C GLY A 69 -5.62 -9.47 9.92
N HIS A 70 -5.04 -10.19 8.98
CA HIS A 70 -3.61 -10.49 9.03
C HIS A 70 -2.69 -9.26 8.90
N SER A 71 -3.23 -8.17 8.35
CA SER A 71 -2.51 -6.88 8.33
C SER A 71 -3.44 -5.67 8.51
N LEU A 72 -4.59 -5.89 9.14
CA LEU A 72 -5.56 -4.84 9.38
C LEU A 72 -5.77 -4.63 10.86
N VAL A 73 -6.07 -3.40 11.23
CA VAL A 73 -6.43 -3.04 12.59
C VAL A 73 -7.68 -2.16 12.54
N ASN A 74 -8.52 -2.27 13.58
CA ASN A 74 -9.67 -1.38 13.81
C ASN A 74 -9.46 -0.60 15.08
N ILE A 75 -9.97 0.64 15.12
CA ILE A 75 -9.91 1.46 16.34
C ILE A 75 -11.32 1.54 16.94
N TYR A 76 -11.46 1.19 18.21
CA TYR A 76 -12.76 1.25 18.93
C TYR A 76 -12.76 2.41 19.93
N PHE A 77 -13.92 3.07 20.06
CA PHE A 77 -14.04 4.35 20.76
C PHE A 77 -15.15 4.35 21.82
N GLN A 78 -14.89 4.99 22.97
CA GLN A 78 -15.93 5.33 23.94
C GLN A 78 -15.95 6.85 24.11
N ILE A 79 -17.09 7.46 23.78
CA ILE A 79 -17.20 8.91 23.73
C ILE A 79 -18.23 9.41 24.73
N ASP A 80 -17.77 10.19 25.70
CA ASP A 80 -18.62 10.76 26.74
C ASP A 80 -19.68 11.66 26.13
N ASP A 81 -20.86 11.68 26.75
CA ASP A 81 -22.01 12.44 26.27
C ASP A 81 -21.66 13.90 25.95
N PHE A 82 -20.89 14.54 26.83
CA PHE A 82 -20.54 15.96 26.66
C PHE A 82 -19.66 16.24 25.45
N LEU A 83 -18.83 15.27 25.07
CA LEU A 83 -17.96 15.43 23.90
C LEU A 83 -18.71 15.09 22.63
N LEU A 84 -19.64 14.14 22.73
CA LEU A 84 -20.52 13.74 21.64
C LEU A 84 -21.40 14.92 21.22
N LEU A 85 -21.93 15.64 22.21
CA LEU A 85 -22.67 16.89 21.97
C LEU A 85 -21.79 17.89 21.23
N THR A 86 -20.61 18.13 21.77
CA THR A 86 -19.64 19.06 21.20
C THR A 86 -19.27 18.63 19.78
N LEU A 87 -18.86 17.37 19.60
CA LEU A 87 -18.49 16.88 18.27
C LEU A 87 -19.66 16.90 17.28
N ASN A 88 -20.84 16.49 17.71
CA ASN A 88 -22.04 16.53 16.84
C ASN A 88 -22.40 17.94 16.38
N SER A 89 -22.10 18.92 17.22
CA SER A 89 -22.37 20.32 16.93
C SER A 89 -21.31 20.95 16.01
N LEU A 90 -20.16 20.31 15.89
CA LEU A 90 -19.08 20.83 15.04
C LEU A 90 -19.09 20.16 13.70
N SER A 91 -19.45 18.87 13.70
CA SER A 91 -19.36 18.02 12.54
C SER A 91 -20.15 18.53 11.34
N VAL A 92 -19.49 18.56 10.19
CA VAL A 92 -20.09 19.04 8.96
C VAL A 92 -21.11 18.05 8.42
N TYR A 93 -20.71 16.80 8.21
CA TYR A 93 -21.69 15.73 8.01
C TYR A 93 -22.58 15.72 9.24
N LYS A 94 -23.89 15.62 9.01
CA LYS A 94 -24.89 15.83 10.05
C LYS A 94 -24.86 14.76 11.15
N ASP A 95 -24.42 15.17 12.34
CA ASP A 95 -24.54 14.36 13.57
C ASP A 95 -24.18 12.88 13.45
N PRO A 96 -22.92 12.58 13.07
CA PRO A 96 -22.47 11.19 12.89
C PRO A 96 -21.96 10.49 14.15
N ILE A 97 -21.82 11.22 15.25
CA ILE A 97 -21.13 10.71 16.43
C ILE A 97 -22.11 10.00 17.38
N ARG A 98 -21.73 8.77 17.77
CA ARG A 98 -22.45 7.99 18.78
C ARG A 98 -21.50 7.62 19.92
N LYS A 99 -22.06 7.06 20.98
CA LYS A 99 -21.30 6.70 22.19
C LYS A 99 -20.28 5.58 21.94
N TYR A 100 -20.68 4.59 21.15
CA TYR A 100 -19.82 3.45 20.89
C TYR A 100 -19.56 3.36 19.40
N MET A 101 -18.32 3.58 19.01
CA MET A 101 -17.97 3.61 17.61
C MET A 101 -16.72 2.80 17.29
N PHE A 102 -16.43 2.71 16.00
CA PHE A 102 -15.18 2.15 15.50
C PHE A 102 -14.93 2.66 14.09
N LEU A 103 -13.68 2.64 13.63
CA LEU A 103 -13.39 2.86 12.22
C LEU A 103 -12.32 1.86 11.81
N ARG A 104 -12.27 1.53 10.52
CA ARG A 104 -11.30 0.56 10.02
C ARG A 104 -10.16 1.28 9.37
N LEU A 105 -8.93 0.87 9.69
CA LEU A 105 -7.75 1.44 9.03
C LEU A 105 -7.38 0.51 7.88
N ASN A 106 -6.71 1.02 6.85
CA ASN A 106 -6.22 0.15 5.78
C ASN A 106 -4.92 -0.55 6.22
N LYS A 107 -4.31 -1.34 5.34
CA LYS A 107 -3.07 -2.05 5.68
C LYS A 107 -1.91 -1.08 5.91
N GLU A 108 -1.78 -0.05 5.07
CA GLU A 108 -0.69 0.93 5.24
C GLU A 108 -0.72 1.61 6.62
N GLN A 109 -1.90 2.07 7.03
CA GLN A 109 -2.12 2.69 8.35
C GLN A 109 -1.83 1.77 9.53
N SER A 110 -2.07 0.48 9.34
CA SER A 110 -2.00 -0.49 10.42
C SER A 110 -0.58 -0.97 10.77
N LYS A 111 0.44 -0.61 9.98
CA LYS A 111 1.75 -1.26 10.09
C LYS A 111 2.41 -1.12 11.47
N TRP A 112 2.39 0.08 12.03
CA TRP A 112 3.09 0.35 13.30
C TRP A 112 2.28 -0.09 14.52
N ALA A 113 0.95 -0.04 14.40
CA ALA A 113 0.06 -0.60 15.40
C ALA A 113 0.25 -2.10 15.56
N ILE A 114 0.41 -2.81 14.45
CA ILE A 114 0.67 -4.26 14.51
C ILE A 114 2.02 -4.52 15.17
N ASN A 115 3.02 -3.67 14.90
CA ASN A 115 4.40 -3.80 15.43
C ASN A 115 4.57 -3.57 16.92
N ALA A 116 3.74 -2.68 17.46
CA ALA A 116 3.74 -2.37 18.88
C ALA A 116 2.75 -3.26 19.60
N ALA A 117 2.18 -4.23 18.89
CA ALA A 117 1.21 -5.17 19.45
C ALA A 117 0.06 -4.41 20.06
N PHE A 118 -0.39 -3.36 19.34
CA PHE A 118 -1.58 -2.57 19.69
C PHE A 118 -1.46 -1.80 20.99
N ASN A 119 -0.26 -1.72 21.54
CA ASN A 119 -0.04 -1.10 22.85
C ASN A 119 0.14 0.41 22.73
N VAL A 120 -0.87 1.15 23.19
CA VAL A 120 -0.93 2.59 23.01
C VAL A 120 -0.23 3.35 24.14
N PHE A 121 0.60 4.32 23.77
CA PHE A 121 1.26 5.17 24.74
C PHE A 121 0.51 6.47 24.98
N SER A 122 0.15 7.17 23.90
CA SER A 122 -0.56 8.44 24.00
C SER A 122 -1.39 8.73 22.75
N TYR A 123 -2.46 9.50 22.93
CA TYR A 123 -3.28 9.93 21.81
C TYR A 123 -3.82 11.35 22.04
N ARG A 124 -4.30 11.95 20.96
CA ARG A 124 -4.91 13.28 21.02
C ARG A 124 -5.64 13.66 19.74
N LEU A 125 -6.48 14.68 19.86
CA LEU A 125 -7.13 15.32 18.74
C LEU A 125 -6.38 16.59 18.42
N ARG A 126 -6.23 16.86 17.12
CA ARG A 126 -5.55 18.06 16.66
C ARG A 126 -6.40 18.67 15.56
N ASN A 127 -6.53 20.00 15.60
CA ASN A 127 -7.20 20.74 14.56
C ASN A 127 -6.26 21.00 13.39
N ILE A 128 -6.66 20.55 12.20
CA ILE A 128 -5.87 20.79 11.00
C ILE A 128 -6.68 21.67 10.06
N GLY A 129 -6.10 22.79 9.67
CA GLY A 129 -6.77 23.78 8.87
C GLY A 129 -6.78 23.40 7.40
N VAL A 130 -7.21 24.34 6.57
CA VAL A 130 -7.55 24.05 5.19
C VAL A 130 -6.62 24.79 4.21
N GLY A 131 -6.58 24.33 2.96
CA GLY A 131 -5.72 24.91 1.90
C GLY A 131 -6.36 26.07 1.15
N PRO A 132 -5.73 26.53 0.04
CA PRO A 132 -6.15 27.73 -0.70
C PRO A 132 -7.48 27.67 -1.45
N LEU A 133 -8.00 26.47 -1.72
CA LEU A 133 -9.23 26.29 -2.48
C LEU A 133 -10.34 25.74 -1.60
N GLY A 134 -10.13 25.75 -0.30
CA GLY A 134 -11.02 25.05 0.62
C GLY A 134 -12.48 25.44 0.53
N PRO A 135 -12.76 26.76 0.50
CA PRO A 135 -14.14 27.27 0.38
C PRO A 135 -14.78 26.90 -0.96
N ASP A 136 -14.07 27.20 -2.04
CA ASP A 136 -14.45 26.80 -3.40
C ASP A 136 -14.80 25.31 -3.49
N ILE A 137 -13.98 24.46 -2.86
CA ILE A 137 -14.15 23.00 -2.94
C ILE A 137 -15.43 22.54 -2.25
N ARG A 138 -15.64 23.04 -1.04
CA ARG A 138 -16.84 22.69 -0.26
C ARG A 138 -18.10 23.32 -0.87
N SER A 139 -17.93 24.46 -1.53
CA SER A 139 -19.02 25.09 -2.29
C SER A 139 -19.40 24.33 -3.58
N SER A 140 -18.54 23.43 -4.04
CA SER A 140 -18.64 22.85 -5.39
C SER A 140 -19.36 21.50 -5.53
N GLY A 141 -19.84 20.93 -4.43
CA GLY A 141 -20.58 19.65 -4.50
C GLY A 141 -21.66 19.66 -5.58
N PRO A 142 -21.85 18.52 -6.28
CA PRO A 142 -22.72 18.48 -7.47
C PRO A 142 -24.20 18.68 -7.14
N LYS B 4 -22.75 26.94 -10.07
CA LYS B 4 -21.87 25.93 -9.42
C LYS B 4 -21.11 25.12 -10.47
N HIS B 5 -19.81 24.98 -10.25
CA HIS B 5 -18.96 24.09 -11.03
C HIS B 5 -18.75 22.82 -10.21
N SER B 6 -18.08 21.83 -10.79
CA SER B 6 -17.82 20.58 -10.09
C SER B 6 -16.31 20.23 -10.16
N TYR B 7 -15.81 19.54 -9.14
CA TYR B 7 -14.42 19.08 -9.15
C TYR B 7 -14.40 17.65 -9.62
N VAL B 8 -13.87 17.44 -10.82
CA VAL B 8 -13.88 16.15 -11.51
C VAL B 8 -12.52 15.51 -11.55
N GLU B 9 -12.50 14.20 -11.70
CA GLU B 9 -11.28 13.44 -11.48
C GLU B 9 -10.43 13.39 -12.74
N LEU B 10 -9.14 13.73 -12.61
CA LEU B 10 -8.15 13.38 -13.64
C LEU B 10 -7.68 11.93 -13.48
N LYS B 11 -8.33 11.02 -14.19
CA LYS B 11 -8.14 9.58 -14.03
C LYS B 11 -6.88 9.02 -14.70
N ASP B 12 -6.53 7.80 -14.32
CA ASP B 12 -5.36 7.07 -14.85
C ASP B 12 -5.23 6.94 -16.37
N LYS B 13 -6.36 6.94 -17.06
CA LYS B 13 -6.38 6.76 -18.52
C LYS B 13 -5.64 7.85 -19.30
N VAL B 14 -5.40 8.97 -18.64
CA VAL B 14 -4.72 10.09 -19.26
C VAL B 14 -3.20 9.89 -19.30
N ILE B 15 -2.72 8.79 -18.71
CA ILE B 15 -1.31 8.39 -18.83
C ILE B 15 -1.29 7.30 -19.90
N VAL B 16 -0.65 7.56 -21.05
CA VAL B 16 -0.56 6.59 -22.14
C VAL B 16 0.90 6.09 -22.27
N PRO B 17 1.14 4.79 -22.07
CA PRO B 17 2.49 4.23 -22.17
C PRO B 17 3.15 4.42 -23.55
N GLY B 18 4.40 4.88 -23.56
CA GLY B 18 5.11 5.17 -24.81
C GLY B 18 5.24 6.65 -25.13
N TRP B 19 4.44 7.49 -24.48
CA TRP B 19 4.49 8.92 -24.72
C TRP B 19 5.24 9.64 -23.60
N PRO B 20 5.85 10.80 -23.91
CA PRO B 20 6.46 11.59 -22.85
C PRO B 20 5.49 11.91 -21.72
N THR B 21 6.03 12.07 -20.51
CA THR B 21 5.25 12.23 -19.29
C THR B 21 5.39 13.64 -18.75
N LEU B 22 4.27 14.25 -18.35
CA LEU B 22 4.27 15.46 -17.55
C LEU B 22 4.08 14.98 -16.12
N MET B 23 5.06 15.30 -15.28
CA MET B 23 5.19 14.83 -13.91
C MET B 23 4.83 15.95 -12.94
N LEU B 24 3.85 15.71 -12.06
CA LEU B 24 3.54 16.63 -10.96
C LEU B 24 4.39 16.31 -9.72
N GLU B 25 5.15 17.29 -9.26
CA GLU B 25 6.06 17.08 -8.14
C GLU B 25 5.65 18.02 -7.01
N ILE B 26 5.32 17.45 -5.85
CA ILE B 26 4.89 18.20 -4.67
C ILE B 26 5.85 17.95 -3.51
N ASP B 27 6.34 19.05 -2.90
CA ASP B 27 7.08 19.00 -1.64
C ASP B 27 6.21 19.52 -0.48
N PHE B 28 6.21 18.83 0.66
CA PHE B 28 5.53 19.31 1.88
C PHE B 28 6.46 20.06 2.83
N VAL B 29 5.88 20.82 3.76
CA VAL B 29 6.63 21.74 4.62
C VAL B 29 7.37 20.99 5.72
N GLY B 30 6.62 20.17 6.47
CA GLY B 30 7.16 19.37 7.57
C GLY B 30 6.82 17.91 7.37
N GLY B 31 7.19 17.38 6.19
CA GLY B 31 7.00 15.97 5.88
C GLY B 31 8.04 15.12 6.58
N THR B 32 7.59 14.01 7.16
CA THR B 32 8.48 13.10 7.88
C THR B 32 9.06 12.09 6.89
N SER B 33 10.13 11.42 7.29
CA SER B 33 10.81 10.45 6.42
C SER B 33 11.54 11.14 5.28
N ARG B 34 12.79 10.76 5.06
CA ARG B 34 13.65 11.43 4.12
C ARG B 34 13.73 10.68 2.79
N ASN B 35 14.09 11.39 1.72
CA ASN B 35 14.29 10.79 0.40
C ASN B 35 13.04 10.19 -0.24
N GLN B 36 11.89 10.25 0.46
CA GLN B 36 10.62 9.90 -0.14
C GLN B 36 9.98 11.18 -0.64
N PHE B 37 9.79 11.24 -1.95
CA PHE B 37 9.21 12.39 -2.61
C PHE B 37 7.79 12.07 -2.97
N LEU B 38 7.02 13.10 -3.32
CA LEU B 38 5.72 12.89 -3.92
C LEU B 38 5.82 13.25 -5.41
N ASN B 39 6.08 12.23 -6.23
CA ASN B 39 6.17 12.35 -7.68
C ASN B 39 4.98 11.63 -8.33
N ILE B 40 4.11 12.38 -8.98
CA ILE B 40 2.90 11.85 -9.61
C ILE B 40 2.94 12.06 -11.12
N PRO B 41 3.03 10.98 -11.92
CA PRO B 41 2.91 11.21 -13.36
C PRO B 41 1.48 11.73 -13.66
N PHE B 42 1.42 12.91 -14.28
CA PHE B 42 0.21 13.76 -14.26
C PHE B 42 -0.62 13.64 -15.53
N LEU B 43 0.06 13.69 -16.68
CA LEU B 43 -0.58 13.64 -17.99
C LEU B 43 0.46 13.27 -19.08
N SER B 44 0.04 12.42 -20.01
CA SER B 44 0.91 12.07 -21.14
C SER B 44 0.76 13.13 -22.21
N VAL B 45 1.88 13.58 -22.77
CA VAL B 45 1.86 14.73 -23.69
C VAL B 45 2.55 14.36 -25.00
N LYS B 46 2.11 14.96 -26.11
CA LYS B 46 2.71 14.71 -27.43
C LYS B 46 4.05 15.42 -27.58
N GLU B 47 4.17 16.57 -26.91
CA GLU B 47 5.35 17.43 -26.96
C GLU B 47 5.58 18.03 -25.56
N PRO B 48 6.83 18.44 -25.22
CA PRO B 48 7.05 18.96 -23.86
C PRO B 48 6.33 20.25 -23.54
N LEU B 49 5.93 20.40 -22.28
CA LEU B 49 5.36 21.64 -21.80
C LEU B 49 6.48 22.67 -21.65
N GLN B 50 6.16 23.92 -21.99
CA GLN B 50 7.09 25.03 -21.88
C GLN B 50 6.29 26.29 -21.61
N LEU B 51 6.24 26.70 -20.34
CA LEU B 51 5.53 27.92 -19.97
C LEU B 51 6.37 29.11 -20.41
N PRO B 52 5.72 30.27 -20.64
CA PRO B 52 6.49 31.49 -20.91
C PRO B 52 7.50 31.80 -19.80
N ARG B 53 8.62 32.40 -20.17
CA ARG B 53 9.75 32.57 -19.26
C ARG B 53 9.48 33.55 -18.10
N GLU B 54 8.73 34.61 -18.39
CA GLU B 54 8.46 35.67 -17.41
C GLU B 54 7.40 35.23 -16.42
N LYS B 55 6.30 34.71 -16.92
CA LYS B 55 5.23 34.18 -16.07
C LYS B 55 5.67 32.89 -15.40
N LYS B 56 4.96 32.52 -14.34
CA LYS B 56 5.31 31.38 -13.50
C LYS B 56 4.13 30.42 -13.38
N LEU B 57 4.38 29.25 -12.79
CA LEU B 57 3.39 28.19 -12.75
C LEU B 57 2.19 28.52 -11.86
N THR B 58 2.45 29.22 -10.75
CA THR B 58 1.43 29.46 -9.73
C THR B 58 0.42 30.54 -10.18
N ASP B 59 0.74 31.24 -11.26
CA ASP B 59 -0.23 32.10 -11.96
C ASP B 59 -1.17 31.30 -12.86
N TYR B 60 -0.78 30.07 -13.18
CA TYR B 60 -1.58 29.19 -14.06
C TYR B 60 -2.22 28.01 -13.34
N PHE B 61 -1.65 27.62 -12.19
CA PHE B 61 -1.90 26.32 -11.59
C PHE B 61 -1.89 26.43 -10.07
N THR B 62 -3.00 26.02 -9.45
CA THR B 62 -3.14 26.06 -8.00
C THR B 62 -3.55 24.68 -7.55
N ILE B 63 -2.95 24.20 -6.46
CA ILE B 63 -3.28 22.87 -5.95
C ILE B 63 -3.77 22.93 -4.52
N ASP B 64 -4.44 21.87 -4.07
CA ASP B 64 -4.97 21.84 -2.71
C ASP B 64 -5.16 20.41 -2.26
N VAL B 65 -4.34 19.97 -1.30
CA VAL B 65 -4.39 18.60 -0.77
C VAL B 65 -5.40 18.51 0.38
N GLU B 66 -6.46 17.72 0.26
CA GLU B 66 -7.36 17.48 1.42
C GLU B 66 -7.64 16.00 1.64
N PRO B 67 -8.14 15.64 2.85
CA PRO B 67 -8.55 14.26 3.12
C PRO B 67 -9.94 13.94 2.57
N ALA B 68 -10.14 12.71 2.09
CA ALA B 68 -11.48 12.33 1.63
C ALA B 68 -12.08 11.29 2.54
N GLY B 69 -11.42 10.96 3.63
CA GLY B 69 -11.87 9.91 4.52
C GLY B 69 -10.81 9.62 5.56
N HIS B 70 -10.94 8.47 6.20
CA HIS B 70 -10.06 8.13 7.32
C HIS B 70 -8.70 7.66 6.83
N SER B 71 -8.60 7.31 5.54
CA SER B 71 -7.28 7.01 4.97
C SER B 71 -6.89 7.73 3.68
N LEU B 72 -7.82 8.05 2.79
CA LEU B 72 -7.45 8.54 1.45
C LEU B 72 -7.44 10.06 1.36
N VAL B 73 -6.60 10.55 0.46
CA VAL B 73 -6.36 11.96 0.28
C VAL B 73 -6.38 12.25 -1.22
N ASN B 74 -6.96 13.39 -1.59
CA ASN B 74 -7.08 13.85 -2.97
C ASN B 74 -6.30 15.16 -3.09
N ILE B 75 -5.67 15.38 -4.24
CA ILE B 75 -5.13 16.68 -4.61
C ILE B 75 -6.19 17.34 -5.49
N TYR B 76 -6.74 18.45 -5.00
CA TYR B 76 -7.65 19.30 -5.75
C TYR B 76 -6.84 20.38 -6.44
N PHE B 77 -7.24 20.75 -7.66
CA PHE B 77 -6.53 21.82 -8.35
C PHE B 77 -7.40 22.67 -9.30
N GLN B 78 -6.95 23.90 -9.51
CA GLN B 78 -7.60 24.87 -10.39
C GLN B 78 -6.60 25.23 -11.49
N ILE B 79 -7.03 25.12 -12.75
CA ILE B 79 -6.16 25.30 -13.93
C ILE B 79 -6.64 26.44 -14.82
N ASP B 80 -5.86 27.52 -14.88
CA ASP B 80 -6.15 28.70 -15.73
C ASP B 80 -6.48 28.30 -17.18
N ASP B 81 -7.27 29.15 -17.84
CA ASP B 81 -7.76 28.89 -19.20
C ASP B 81 -6.63 28.71 -20.22
N PHE B 82 -5.55 29.47 -20.06
CA PHE B 82 -4.39 29.36 -20.96
C PHE B 82 -3.70 28.01 -20.86
N LEU B 83 -3.37 27.59 -19.64
CA LEU B 83 -2.68 26.30 -19.44
C LEU B 83 -3.61 25.12 -19.81
N LEU B 84 -4.92 25.31 -19.64
CA LEU B 84 -5.89 24.29 -20.00
C LEU B 84 -5.90 24.04 -21.54
N LEU B 85 -5.85 25.11 -22.32
CA LEU B 85 -5.77 25.00 -23.79
C LEU B 85 -4.48 24.34 -24.22
N THR B 86 -3.39 24.77 -23.58
CA THR B 86 -2.07 24.26 -23.87
C THR B 86 -1.99 22.77 -23.52
N LEU B 87 -2.41 22.43 -22.31
CA LEU B 87 -2.37 21.05 -21.84
C LEU B 87 -3.29 20.14 -22.65
N ASN B 88 -4.49 20.61 -22.99
CA ASN B 88 -5.38 19.80 -23.80
C ASN B 88 -4.82 19.57 -25.20
N SER B 89 -4.22 20.61 -25.79
CA SER B 89 -3.58 20.47 -27.10
C SER B 89 -2.38 19.51 -27.08
N LEU B 90 -1.62 19.50 -25.99
CA LEU B 90 -0.48 18.57 -25.84
C LEU B 90 -0.91 17.16 -25.45
N SER B 91 -2.06 17.04 -24.79
CA SER B 91 -2.50 15.76 -24.21
C SER B 91 -2.72 14.66 -25.24
N VAL B 92 -2.08 13.51 -25.04
CA VAL B 92 -2.25 12.35 -25.93
C VAL B 92 -3.69 11.87 -25.87
N TYR B 93 -4.19 11.73 -24.65
CA TYR B 93 -5.60 11.46 -24.47
C TYR B 93 -6.36 12.72 -24.92
N LYS B 94 -7.51 12.51 -25.56
CA LYS B 94 -8.30 13.60 -26.12
C LYS B 94 -8.88 14.50 -25.03
N ASP B 95 -8.51 15.78 -25.04
CA ASP B 95 -9.05 16.83 -24.16
C ASP B 95 -9.55 16.36 -22.77
N PRO B 96 -8.65 15.84 -21.92
CA PRO B 96 -9.10 15.40 -20.59
C PRO B 96 -9.14 16.51 -19.53
N ILE B 97 -8.50 17.64 -19.82
CA ILE B 97 -8.30 18.65 -18.80
C ILE B 97 -9.51 19.58 -18.73
N ARG B 98 -9.93 19.86 -17.47
CA ARG B 98 -10.96 20.85 -17.19
C ARG B 98 -10.42 21.84 -16.15
N LYS B 99 -11.22 22.88 -15.88
CA LYS B 99 -10.75 23.99 -15.05
C LYS B 99 -10.62 23.63 -13.58
N TYR B 100 -11.48 22.73 -13.10
CA TYR B 100 -11.50 22.30 -11.69
C TYR B 100 -11.42 20.80 -11.67
N MET B 101 -10.38 20.27 -11.04
CA MET B 101 -10.22 18.82 -10.96
C MET B 101 -9.62 18.35 -9.65
N PHE B 102 -9.49 17.03 -9.53
CA PHE B 102 -8.68 16.40 -8.52
C PHE B 102 -8.09 15.11 -9.07
N LEU B 103 -7.01 14.63 -8.45
CA LEU B 103 -6.56 13.24 -8.66
C LEU B 103 -6.47 12.60 -7.29
N ARG B 104 -6.63 11.29 -7.23
CA ARG B 104 -6.57 10.55 -5.97
C ARG B 104 -5.13 10.15 -5.68
N LEU B 105 -4.71 10.25 -4.42
CA LEU B 105 -3.46 9.66 -3.96
C LEU B 105 -3.67 8.21 -3.57
N ASN B 106 -2.59 7.43 -3.59
CA ASN B 106 -2.71 6.03 -3.19
C ASN B 106 -2.63 5.90 -1.65
N LYS B 107 -2.78 4.69 -1.15
CA LYS B 107 -2.80 4.48 0.30
C LYS B 107 -1.53 5.02 0.96
N GLU B 108 -0.37 4.73 0.39
CA GLU B 108 0.93 5.15 0.93
C GLU B 108 1.16 6.66 0.84
N GLN B 109 0.74 7.26 -0.28
CA GLN B 109 0.89 8.69 -0.49
C GLN B 109 -0.03 9.49 0.42
N SER B 110 -1.22 8.94 0.69
CA SER B 110 -2.20 9.58 1.56
C SER B 110 -1.59 9.69 2.93
N LYS B 111 -1.07 8.56 3.41
CA LYS B 111 -0.38 8.49 4.69
C LYS B 111 0.67 9.58 4.77
N TRP B 112 1.47 9.74 3.70
CA TRP B 112 2.50 10.77 3.68
C TRP B 112 1.91 12.17 3.77
N ALA B 113 0.87 12.45 2.98
CA ALA B 113 0.25 13.77 2.96
C ALA B 113 -0.40 14.08 4.31
N ILE B 114 -1.10 13.10 4.87
CA ILE B 114 -1.68 13.19 6.21
C ILE B 114 -0.57 13.55 7.21
N ASN B 115 0.48 12.73 7.27
CA ASN B 115 1.63 13.00 8.15
C ASN B 115 2.22 14.40 8.02
N ALA B 116 2.21 14.96 6.80
CA ALA B 116 2.67 16.34 6.59
C ALA B 116 1.58 17.37 6.93
N ALA B 117 0.47 16.90 7.47
CA ALA B 117 -0.69 17.74 7.76
C ALA B 117 -1.18 18.45 6.48
N PHE B 118 -0.97 17.81 5.33
CA PHE B 118 -1.42 18.32 4.02
C PHE B 118 -0.72 19.60 3.60
N ASN B 119 0.38 19.93 4.25
CA ASN B 119 0.91 21.29 4.17
C ASN B 119 1.96 21.46 3.06
N VAL B 120 1.49 21.92 1.90
CA VAL B 120 2.27 22.00 0.67
C VAL B 120 3.25 23.17 0.71
N PHE B 121 4.55 22.88 0.56
CA PHE B 121 5.58 23.92 0.49
C PHE B 121 5.78 24.42 -0.95
N SER B 122 5.89 23.50 -1.90
CA SER B 122 5.91 23.89 -3.31
C SER B 122 5.55 22.74 -4.23
N TYR B 123 5.50 23.01 -5.54
CA TYR B 123 5.13 22.02 -6.55
C TYR B 123 5.60 22.46 -7.94
N ARG B 124 5.71 21.51 -8.86
CA ARG B 124 6.18 21.81 -10.21
C ARG B 124 5.69 20.81 -11.23
N LEU B 125 5.94 21.12 -12.50
CA LEU B 125 5.58 20.24 -13.61
C LEU B 125 6.81 20.04 -14.45
N ARG B 126 7.19 18.78 -14.64
CA ARG B 126 8.47 18.47 -15.27
C ARG B 126 8.30 17.45 -16.37
N ASN B 127 9.03 17.67 -17.47
CA ASN B 127 8.99 16.78 -18.62
C ASN B 127 9.95 15.62 -18.48
N ILE B 128 9.41 14.41 -18.62
CA ILE B 128 10.21 13.19 -18.66
C ILE B 128 10.05 12.60 -20.05
N GLY B 129 11.17 12.14 -20.62
CA GLY B 129 11.19 11.57 -21.97
C GLY B 129 10.81 10.11 -21.97
N VAL B 130 11.13 9.43 -23.06
CA VAL B 130 10.79 8.01 -23.21
C VAL B 130 12.03 7.13 -23.39
N GLY B 131 11.92 5.89 -22.93
CA GLY B 131 12.97 4.89 -23.10
C GLY B 131 13.14 4.44 -24.55
N PRO B 132 14.00 3.44 -24.77
CA PRO B 132 14.39 3.07 -26.14
C PRO B 132 13.27 2.43 -26.96
N LEU B 133 12.33 1.78 -26.27
CA LEU B 133 11.22 1.08 -26.93
C LEU B 133 9.99 1.97 -27.07
N GLY B 134 10.05 3.18 -26.51
CA GLY B 134 8.96 4.15 -26.56
C GLY B 134 8.24 4.25 -27.88
N PRO B 135 8.97 4.69 -28.92
CA PRO B 135 8.47 4.71 -30.30
C PRO B 135 7.75 3.43 -30.70
N ASP B 136 8.36 2.28 -30.42
CA ASP B 136 7.74 1.00 -30.78
C ASP B 136 6.50 0.67 -29.94
N ILE B 137 6.41 1.21 -28.72
CA ILE B 137 5.28 0.91 -27.80
C ILE B 137 4.01 1.68 -28.17
N ARG B 138 4.15 2.97 -28.47
CA ARG B 138 2.97 3.78 -28.84
C ARG B 138 2.47 3.48 -30.26
N SER B 139 3.39 3.06 -31.14
CA SER B 139 3.04 2.69 -32.51
C SER B 139 2.95 1.17 -32.61
N SER B 140 1.98 0.62 -31.90
CA SER B 140 1.84 -0.83 -31.74
C SER B 140 0.47 -1.15 -31.15
N HIS C 5 3.22 -6.09 -34.60
CA HIS C 5 3.25 -6.78 -33.27
C HIS C 5 2.53 -5.97 -32.18
N SER C 6 2.33 -6.61 -31.04
CA SER C 6 1.77 -5.96 -29.85
C SER C 6 2.53 -6.41 -28.60
N TYR C 7 2.58 -5.54 -27.59
CA TYR C 7 3.20 -5.91 -26.32
C TYR C 7 2.19 -6.65 -25.46
N VAL C 8 2.42 -7.95 -25.30
CA VAL C 8 1.41 -8.81 -24.68
C VAL C 8 1.76 -8.96 -23.20
N GLU C 9 0.75 -9.08 -22.34
CA GLU C 9 1.00 -9.09 -20.91
C GLU C 9 1.50 -10.43 -20.36
N LEU C 10 2.67 -10.41 -19.74
CA LEU C 10 3.12 -11.52 -18.88
C LEU C 10 2.45 -11.37 -17.52
N LYS C 11 1.38 -12.13 -17.31
CA LYS C 11 0.48 -11.96 -16.18
C LYS C 11 0.97 -12.71 -14.94
N ASP C 12 0.30 -12.47 -13.80
CA ASP C 12 0.75 -12.98 -12.48
C ASP C 12 0.72 -14.49 -12.35
N LYS C 13 -0.28 -15.11 -12.96
CA LYS C 13 -0.45 -16.58 -13.03
C LYS C 13 0.76 -17.38 -13.54
N VAL C 14 1.71 -16.73 -14.19
CA VAL C 14 2.93 -17.46 -14.63
C VAL C 14 3.92 -17.60 -13.46
N ILE C 15 3.56 -17.07 -12.31
CA ILE C 15 4.22 -17.42 -11.06
C ILE C 15 3.32 -18.43 -10.39
N VAL C 16 3.86 -19.62 -10.13
CA VAL C 16 3.08 -20.73 -9.66
C VAL C 16 3.73 -21.15 -8.33
N PRO C 17 2.99 -21.02 -7.20
CA PRO C 17 3.60 -21.34 -5.91
C PRO C 17 4.16 -22.75 -5.87
N GLY C 18 5.38 -22.89 -5.38
CA GLY C 18 6.01 -24.20 -5.15
C GLY C 18 7.11 -24.57 -6.13
N TRP C 19 7.35 -23.72 -7.14
CA TRP C 19 8.38 -23.97 -8.16
C TRP C 19 9.49 -22.92 -8.04
N PRO C 20 10.75 -23.30 -8.39
CA PRO C 20 11.77 -22.25 -8.41
C PRO C 20 11.31 -21.01 -9.20
N THR C 21 11.93 -19.89 -8.89
CA THR C 21 11.53 -18.63 -9.46
C THR C 21 12.68 -17.99 -10.20
N LEU C 22 12.32 -17.36 -11.29
CA LEU C 22 13.21 -16.53 -12.06
C LEU C 22 12.90 -15.12 -11.60
N MET C 23 13.93 -14.34 -11.34
CA MET C 23 13.74 -12.99 -10.82
C MET C 23 14.54 -11.97 -11.60
N LEU C 24 13.99 -10.76 -11.71
CA LEU C 24 14.67 -9.65 -12.36
C LEU C 24 15.07 -8.61 -11.29
N GLU C 25 16.38 -8.41 -11.12
CA GLU C 25 16.94 -7.44 -10.17
C GLU C 25 17.24 -6.17 -10.94
N ILE C 26 16.65 -5.05 -10.53
CA ILE C 26 16.84 -3.80 -11.21
C ILE C 26 17.43 -2.73 -10.30
N ASP C 27 18.41 -2.00 -10.83
CA ASP C 27 18.97 -0.84 -10.13
C ASP C 27 18.60 0.39 -10.91
N PHE C 28 18.03 1.38 -10.24
CA PHE C 28 17.62 2.59 -10.93
C PHE C 28 18.72 3.63 -10.79
N VAL C 29 18.85 4.50 -11.79
CA VAL C 29 19.73 5.65 -11.72
C VAL C 29 19.27 6.54 -10.58
N GLY C 30 20.21 7.15 -9.86
CA GLY C 30 19.88 8.07 -8.78
C GLY C 30 19.54 7.36 -7.48
N GLY C 31 18.80 8.05 -6.62
CA GLY C 31 18.35 7.45 -5.35
C GLY C 31 19.42 7.49 -4.28
N THR C 32 19.50 6.41 -3.49
CA THR C 32 20.36 6.36 -2.31
C THR C 32 21.02 4.99 -2.20
N SER C 33 22.15 4.91 -1.50
CA SER C 33 22.79 3.64 -1.19
C SER C 33 21.87 2.73 -0.36
N ARG C 34 21.08 3.35 0.53
CA ARG C 34 20.07 2.67 1.34
C ARG C 34 19.00 1.93 0.54
N ASN C 35 18.67 2.44 -0.65
CA ASN C 35 17.66 1.82 -1.49
C ASN C 35 17.98 0.36 -1.80
N GLN C 36 17.08 -0.51 -1.37
CA GLN C 36 17.03 -1.87 -1.85
C GLN C 36 16.90 -1.88 -3.38
N PHE C 37 17.28 -2.98 -4.00
CA PHE C 37 17.04 -3.18 -5.43
C PHE C 37 15.53 -3.36 -5.64
N LEU C 38 15.03 -3.09 -6.84
CA LEU C 38 13.68 -3.53 -7.19
C LEU C 38 13.80 -4.98 -7.67
N ASN C 39 13.12 -5.89 -6.98
CA ASN C 39 13.23 -7.31 -7.24
C ASN C 39 11.88 -7.86 -7.64
N ILE C 40 11.75 -8.25 -8.90
CA ILE C 40 10.48 -8.67 -9.47
C ILE C 40 10.50 -10.17 -9.77
N PRO C 41 9.74 -10.96 -8.98
CA PRO C 41 9.49 -12.35 -9.35
C PRO C 41 8.86 -12.38 -10.73
N PHE C 42 9.53 -13.04 -11.68
CA PHE C 42 9.27 -12.86 -13.11
C PHE C 42 8.65 -14.10 -13.75
N LEU C 43 9.28 -15.24 -13.55
CA LEU C 43 8.77 -16.51 -14.08
C LEU C 43 9.06 -17.69 -13.17
N SER C 44 8.05 -18.53 -12.96
CA SER C 44 8.23 -19.82 -12.30
C SER C 44 8.80 -20.79 -13.33
N VAL C 45 9.91 -21.45 -13.01
CA VAL C 45 10.55 -22.34 -13.98
C VAL C 45 10.81 -23.73 -13.40
N LYS C 46 10.91 -24.73 -14.29
CA LYS C 46 11.21 -26.12 -13.88
C LYS C 46 12.48 -26.21 -13.06
N GLU C 47 13.46 -25.45 -13.53
CA GLU C 47 14.83 -25.56 -13.10
C GLU C 47 15.42 -24.16 -13.27
N PRO C 48 16.58 -23.90 -12.64
CA PRO C 48 17.28 -22.62 -12.78
C PRO C 48 17.62 -22.21 -14.24
N LEU C 49 17.36 -20.96 -14.61
CA LEU C 49 17.83 -20.46 -15.92
C LEU C 49 19.35 -20.31 -15.90
N GLN C 50 20.02 -21.10 -16.73
CA GLN C 50 21.46 -20.94 -16.93
C GLN C 50 21.71 -20.30 -18.29
N LEU C 51 22.44 -19.20 -18.26
CA LEU C 51 22.85 -18.51 -19.47
C LEU C 51 24.10 -19.14 -20.06
N PRO C 52 24.29 -19.01 -21.39
CA PRO C 52 25.53 -19.41 -22.01
C PRO C 52 26.75 -18.74 -21.40
N ARG C 53 27.87 -19.45 -21.39
CA ARG C 53 29.12 -18.93 -20.84
C ARG C 53 29.41 -17.49 -21.31
N GLU C 54 29.89 -16.65 -20.39
CA GLU C 54 30.22 -15.23 -20.66
C GLU C 54 29.03 -14.30 -20.96
N LYS C 55 27.80 -14.81 -20.90
CA LYS C 55 26.64 -13.97 -21.23
C LYS C 55 25.91 -13.47 -19.98
N LYS C 56 25.07 -12.46 -20.19
CA LYS C 56 24.28 -11.84 -19.13
C LYS C 56 22.88 -11.61 -19.68
N LEU C 57 21.90 -11.43 -18.79
CA LEU C 57 20.50 -11.20 -19.22
C LEU C 57 20.35 -9.96 -20.09
N THR C 58 21.17 -8.96 -19.84
CA THR C 58 21.18 -7.75 -20.69
C THR C 58 21.47 -8.09 -22.17
N ASP C 59 22.21 -9.18 -22.42
CA ASP C 59 22.56 -9.61 -23.79
C ASP C 59 21.40 -10.22 -24.58
N TYR C 60 20.29 -10.55 -23.92
CA TYR C 60 19.11 -11.10 -24.62
C TYR C 60 17.85 -10.27 -24.45
N PHE C 61 17.90 -9.27 -23.59
CA PHE C 61 16.74 -8.54 -23.17
C PHE C 61 16.90 -7.09 -23.52
N THR C 62 15.76 -6.43 -23.66
CA THR C 62 15.77 -4.98 -23.69
C THR C 62 14.53 -4.54 -22.94
N ILE C 63 14.74 -3.73 -21.89
CA ILE C 63 13.64 -3.28 -21.07
C ILE C 63 13.44 -1.78 -21.13
N ASP C 64 12.22 -1.38 -20.83
CA ASP C 64 11.79 0.01 -20.93
C ASP C 64 10.62 0.17 -19.97
N VAL C 65 10.81 0.97 -18.93
CA VAL C 65 9.80 1.26 -17.92
C VAL C 65 8.97 2.45 -18.40
N GLU C 66 7.64 2.31 -18.49
CA GLU C 66 6.80 3.50 -18.76
C GLU C 66 5.63 3.62 -17.76
N PRO C 67 5.22 4.85 -17.38
CA PRO C 67 4.06 5.00 -16.49
C PRO C 67 2.77 4.47 -17.10
N ALA C 68 1.84 4.03 -16.26
CA ALA C 68 0.55 3.53 -16.72
C ALA C 68 -0.58 4.10 -15.88
N GLY C 69 -0.30 5.15 -15.13
CA GLY C 69 -1.25 5.64 -14.18
C GLY C 69 -0.60 6.66 -13.28
N HIS C 70 -1.38 7.20 -12.36
CA HIS C 70 -0.90 8.22 -11.43
C HIS C 70 0.11 7.67 -10.40
N SER C 71 0.07 6.36 -10.11
CA SER C 71 1.10 5.72 -9.27
C SER C 71 1.45 4.32 -9.76
N LEU C 72 1.28 4.10 -11.06
CA LEU C 72 1.47 2.78 -11.64
C LEU C 72 2.45 2.83 -12.78
N VAL C 73 3.18 1.72 -12.94
CA VAL C 73 4.20 1.61 -13.95
C VAL C 73 4.13 0.23 -14.51
N ASN C 74 4.46 0.11 -15.79
CA ASN C 74 4.61 -1.19 -16.41
C ASN C 74 6.05 -1.31 -16.79
N ILE C 75 6.54 -2.54 -16.92
CA ILE C 75 7.84 -2.77 -17.51
C ILE C 75 7.60 -3.38 -18.89
N TYR C 76 8.16 -2.79 -19.92
CA TYR C 76 8.05 -3.34 -21.27
C TYR C 76 9.34 -4.07 -21.59
N PHE C 77 9.23 -5.20 -22.29
CA PHE C 77 10.44 -5.86 -22.72
C PHE C 77 10.41 -6.41 -24.14
N GLN C 78 11.60 -6.45 -24.74
CA GLN C 78 11.85 -7.10 -26.00
C GLN C 78 12.81 -8.24 -25.69
N ILE C 79 12.39 -9.46 -26.05
CA ILE C 79 13.13 -10.66 -25.70
C ILE C 79 13.73 -11.30 -26.95
N ASP C 80 15.04 -11.50 -26.91
CA ASP C 80 15.80 -12.12 -28.01
C ASP C 80 15.32 -13.55 -28.30
N ASP C 81 15.35 -13.91 -29.59
CA ASP C 81 14.89 -15.19 -30.11
C ASP C 81 15.37 -16.45 -29.38
N PHE C 82 16.65 -16.53 -29.03
CA PHE C 82 17.12 -17.73 -28.34
C PHE C 82 16.64 -17.78 -26.88
N LEU C 83 16.64 -16.65 -26.19
CA LEU C 83 16.15 -16.63 -24.80
C LEU C 83 14.66 -16.91 -24.78
N LEU C 84 13.96 -16.48 -25.83
CA LEU C 84 12.55 -16.81 -25.99
C LEU C 84 12.35 -18.31 -26.01
N LEU C 85 13.16 -19.02 -26.80
CA LEU C 85 13.09 -20.49 -26.85
C LEU C 85 13.39 -21.10 -25.48
N THR C 86 14.49 -20.66 -24.88
CA THR C 86 14.87 -21.11 -23.55
C THR C 86 13.70 -20.92 -22.57
N LEU C 87 13.25 -19.70 -22.33
CA LEU C 87 12.21 -19.46 -21.30
C LEU C 87 10.89 -20.17 -21.62
N ASN C 88 10.56 -20.34 -22.90
CA ASN C 88 9.36 -21.11 -23.23
C ASN C 88 9.51 -22.61 -22.92
N SER C 89 10.74 -23.12 -22.94
CA SER C 89 10.95 -24.55 -22.62
C SER C 89 11.14 -24.82 -21.11
N LEU C 90 11.38 -23.78 -20.30
CA LEU C 90 11.49 -23.95 -18.83
C LEU C 90 10.24 -23.54 -18.08
N SER C 91 9.46 -22.66 -18.71
CA SER C 91 8.20 -22.18 -18.17
C SER C 91 7.33 -23.32 -17.64
N VAL C 92 6.71 -23.08 -16.49
CA VAL C 92 5.78 -24.00 -15.84
C VAL C 92 4.40 -23.83 -16.45
N TYR C 93 3.94 -22.57 -16.48
CA TYR C 93 2.79 -22.19 -17.28
C TYR C 93 3.16 -22.40 -18.74
N LYS C 94 2.23 -22.95 -19.52
CA LYS C 94 2.57 -23.41 -20.87
C LYS C 94 2.93 -22.24 -21.78
N ASP C 95 4.17 -22.22 -22.25
CA ASP C 95 4.62 -21.27 -23.27
C ASP C 95 3.91 -19.90 -23.15
N PRO C 96 4.33 -19.06 -22.18
CA PRO C 96 3.75 -17.73 -22.02
C PRO C 96 4.55 -16.60 -22.66
N ILE C 97 5.75 -16.89 -23.16
CA ILE C 97 6.69 -15.84 -23.53
C ILE C 97 6.62 -15.47 -25.02
N ARG C 98 6.47 -14.18 -25.27
CA ARG C 98 6.47 -13.61 -26.63
C ARG C 98 7.61 -12.63 -26.71
N LYS C 99 7.88 -12.17 -27.92
CA LYS C 99 9.05 -11.35 -28.20
C LYS C 99 8.90 -9.94 -27.62
N TYR C 100 7.70 -9.40 -27.75
CA TYR C 100 7.34 -8.11 -27.20
C TYR C 100 6.37 -8.34 -26.03
N MET C 101 6.73 -7.88 -24.84
CA MET C 101 5.93 -8.12 -23.65
C MET C 101 5.96 -6.95 -22.68
N PHE C 102 4.99 -6.93 -21.76
CA PHE C 102 5.04 -6.03 -20.62
C PHE C 102 4.50 -6.73 -19.36
N LEU C 103 4.93 -6.27 -18.20
CA LEU C 103 4.31 -6.69 -16.93
C LEU C 103 3.98 -5.46 -16.09
N ARG C 104 2.93 -5.57 -15.29
CA ARG C 104 2.41 -4.43 -14.53
C ARG C 104 2.97 -4.45 -13.13
N LEU C 105 3.62 -3.38 -12.72
CA LEU C 105 4.10 -3.26 -11.36
C LEU C 105 2.96 -2.73 -10.50
N ASN C 106 2.96 -3.08 -9.21
CA ASN C 106 1.95 -2.58 -8.26
C ASN C 106 2.35 -1.20 -7.70
N LYS C 107 1.50 -0.60 -6.88
CA LYS C 107 1.68 0.81 -6.50
C LYS C 107 2.84 0.94 -5.53
N GLU C 108 3.20 -0.16 -4.89
CA GLU C 108 4.41 -0.19 -4.13
C GLU C 108 5.62 -0.28 -5.07
N GLN C 109 5.64 -1.22 -6.00
CA GLN C 109 6.84 -1.39 -6.84
C GLN C 109 7.10 -0.21 -7.79
N SER C 110 6.04 0.48 -8.19
CA SER C 110 6.14 1.65 -9.11
C SER C 110 6.75 2.89 -8.47
N LYS C 111 6.47 3.05 -7.18
CA LYS C 111 7.05 4.08 -6.33
C LYS C 111 8.55 4.23 -6.61
N TRP C 112 9.25 3.11 -6.74
CA TRP C 112 10.71 3.10 -6.93
C TRP C 112 11.11 3.50 -8.37
N ALA C 113 10.31 3.11 -9.35
CA ALA C 113 10.60 3.45 -10.76
C ALA C 113 10.28 4.92 -11.10
N ILE C 114 9.24 5.45 -10.44
CA ILE C 114 8.71 6.80 -10.68
C ILE C 114 9.64 7.87 -10.12
N ASN C 115 10.15 7.65 -8.90
CA ASN C 115 11.13 8.55 -8.31
C ASN C 115 12.50 8.58 -9.01
N ALA C 116 12.74 7.62 -9.90
CA ALA C 116 13.96 7.58 -10.70
C ALA C 116 13.70 8.06 -12.12
N ALA C 117 12.51 8.63 -12.34
CA ALA C 117 12.00 8.98 -13.67
C ALA C 117 12.23 7.85 -14.68
N PHE C 118 11.95 6.62 -14.21
CA PHE C 118 11.87 5.43 -15.05
C PHE C 118 13.22 4.93 -15.57
N ASN C 119 14.28 5.57 -15.10
CA ASN C 119 15.63 5.38 -15.59
C ASN C 119 16.42 4.28 -14.85
N VAL C 120 16.66 3.17 -15.56
CA VAL C 120 17.42 2.02 -15.05
C VAL C 120 18.92 2.22 -15.19
N PHE C 121 19.65 1.93 -14.10
CA PHE C 121 21.12 1.93 -14.09
C PHE C 121 21.61 0.56 -14.60
N SER C 122 21.11 -0.52 -14.01
CA SER C 122 21.37 -1.88 -14.52
C SER C 122 20.26 -2.88 -14.17
N TYR C 123 20.37 -4.07 -14.72
CA TYR C 123 19.55 -5.19 -14.24
C TYR C 123 20.30 -6.47 -14.45
N ARG C 124 19.92 -7.50 -13.69
CA ARG C 124 20.49 -8.81 -13.89
C ARG C 124 19.45 -9.86 -13.52
N LEU C 125 19.76 -11.11 -13.78
CA LEU C 125 18.86 -12.22 -13.48
C LEU C 125 19.22 -12.85 -12.13
N ARG C 126 18.23 -13.24 -11.36
CA ARG C 126 18.48 -14.08 -10.18
C ARG C 126 17.57 -15.31 -10.25
N ASN C 127 18.08 -16.42 -9.72
CA ASN C 127 17.30 -17.67 -9.59
C ASN C 127 16.97 -17.97 -8.13
N ILE C 128 15.71 -18.26 -7.83
CA ILE C 128 15.34 -18.55 -6.45
C ILE C 128 14.76 -19.95 -6.32
N GLY C 129 15.16 -20.63 -5.27
CA GLY C 129 14.80 -22.02 -5.02
C GLY C 129 13.47 -22.08 -4.33
N VAL C 130 13.17 -23.23 -3.72
CA VAL C 130 11.91 -23.42 -3.04
C VAL C 130 12.13 -24.04 -1.66
N GLY C 131 11.24 -23.72 -0.74
CA GLY C 131 11.32 -24.22 0.63
C GLY C 131 10.89 -25.67 0.76
N PRO C 132 10.75 -26.16 2.01
CA PRO C 132 10.54 -27.59 2.30
C PRO C 132 9.19 -28.18 1.88
N LEU C 133 8.21 -27.31 1.61
CA LEU C 133 6.89 -27.73 1.13
C LEU C 133 6.70 -27.51 -0.38
N GLY C 134 7.75 -27.11 -1.08
CA GLY C 134 7.64 -26.68 -2.48
C GLY C 134 6.92 -27.66 -3.39
N PRO C 135 7.48 -28.86 -3.55
CA PRO C 135 6.86 -29.90 -4.39
C PRO C 135 5.47 -30.29 -3.89
N ASP C 136 5.33 -30.38 -2.57
CA ASP C 136 4.04 -30.66 -1.94
C ASP C 136 3.01 -29.65 -2.43
N ILE C 137 3.37 -28.35 -2.37
CA ILE C 137 2.47 -27.24 -2.74
C ILE C 137 2.06 -27.27 -4.22
N ARG C 138 3.04 -27.44 -5.12
CA ARG C 138 2.75 -27.50 -6.56
C ARG C 138 1.91 -28.74 -6.96
N SER C 139 2.07 -29.84 -6.21
CA SER C 139 1.27 -31.05 -6.42
C SER C 139 -0.19 -30.83 -6.05
N SER C 140 -0.42 -30.13 -4.95
CA SER C 140 -1.76 -29.95 -4.39
C SER C 140 -2.70 -29.19 -5.32
N HIS D 5 -4.73 -33.65 -1.10
CA HIS D 5 -4.99 -32.53 -0.15
C HIS D 5 -4.76 -31.17 -0.81
N SER D 6 -5.24 -30.11 -0.15
CA SER D 6 -5.06 -28.74 -0.65
C SER D 6 -4.77 -27.76 0.48
N TYR D 7 -3.92 -26.78 0.17
CA TYR D 7 -3.56 -25.71 1.09
C TYR D 7 -4.65 -24.63 1.12
N VAL D 8 -5.44 -24.60 2.19
CA VAL D 8 -6.61 -23.70 2.27
C VAL D 8 -6.23 -22.40 2.99
N GLU D 9 -6.83 -21.29 2.58
CA GLU D 9 -6.45 -19.98 3.14
C GLU D 9 -6.96 -19.79 4.56
N LEU D 10 -6.11 -19.28 5.44
CA LEU D 10 -6.51 -18.87 6.78
C LEU D 10 -6.96 -17.40 6.69
N LYS D 11 -8.24 -17.21 6.39
CA LYS D 11 -8.76 -15.88 6.06
C LYS D 11 -8.80 -14.93 7.24
N ASP D 12 -8.94 -13.64 6.92
CA ASP D 12 -8.95 -12.54 7.91
C ASP D 12 -10.04 -12.67 8.97
N LYS D 13 -11.13 -13.35 8.60
CA LYS D 13 -12.29 -13.54 9.48
C LYS D 13 -12.04 -14.43 10.69
N VAL D 14 -10.88 -15.08 10.75
CA VAL D 14 -10.44 -15.77 11.97
C VAL D 14 -9.93 -14.78 13.03
N ILE D 15 -9.82 -13.51 12.66
CA ILE D 15 -9.47 -12.45 13.61
C ILE D 15 -10.78 -11.82 14.10
N VAL D 16 -11.03 -11.92 15.40
CA VAL D 16 -12.25 -11.38 15.99
C VAL D 16 -11.90 -10.25 16.95
N PRO D 17 -12.20 -9.00 16.56
CA PRO D 17 -11.89 -7.87 17.44
C PRO D 17 -12.48 -8.05 18.83
N GLY D 18 -11.67 -7.83 19.85
CA GLY D 18 -12.11 -7.96 21.24
C GLY D 18 -11.44 -9.10 21.99
N TRP D 19 -11.05 -10.14 21.27
CA TRP D 19 -10.46 -11.33 21.88
C TRP D 19 -8.94 -11.30 21.74
N PRO D 20 -8.21 -11.90 22.72
CA PRO D 20 -6.76 -12.01 22.63
C PRO D 20 -6.28 -12.68 21.34
N THR D 21 -4.99 -12.55 21.06
CA THR D 21 -4.44 -12.83 19.73
C THR D 21 -3.27 -13.81 19.78
N LEU D 22 -3.06 -14.49 18.66
CA LEU D 22 -1.81 -15.20 18.40
C LEU D 22 -1.08 -14.46 17.28
N MET D 23 0.03 -13.83 17.62
CA MET D 23 0.85 -13.13 16.63
C MET D 23 1.89 -14.07 16.01
N LEU D 24 1.79 -14.30 14.70
CA LEU D 24 2.88 -14.97 13.96
C LEU D 24 3.96 -13.92 13.70
N GLU D 25 5.14 -14.13 14.28
CA GLU D 25 6.30 -13.26 14.09
C GLU D 25 7.37 -14.03 13.32
N ILE D 26 7.90 -13.43 12.26
CA ILE D 26 8.87 -14.13 11.41
C ILE D 26 10.11 -13.29 11.14
N ASP D 27 11.27 -13.89 11.39
CA ASP D 27 12.56 -13.27 11.15
C ASP D 27 13.13 -13.86 9.85
N PHE D 28 13.22 -13.04 8.80
CA PHE D 28 13.90 -13.45 7.56
C PHE D 28 15.40 -13.30 7.75
N VAL D 29 16.18 -14.21 7.16
CA VAL D 29 17.63 -14.29 7.42
C VAL D 29 18.34 -13.02 6.95
N PHE D 37 11.90 -8.85 9.29
CA PHE D 37 11.04 -9.11 10.45
C PHE D 37 9.61 -8.66 10.17
N LEU D 38 8.64 -9.54 10.42
CA LEU D 38 7.23 -9.19 10.23
C LEU D 38 6.32 -9.78 11.31
N ASN D 39 5.33 -8.98 11.72
CA ASN D 39 4.31 -9.42 12.66
C ASN D 39 2.98 -9.54 11.93
N ILE D 40 2.33 -10.67 12.13
CA ILE D 40 1.08 -10.97 11.48
C ILE D 40 0.14 -11.53 12.53
N PRO D 41 -0.96 -10.80 12.84
CA PRO D 41 -2.00 -11.40 13.64
C PRO D 41 -2.48 -12.65 12.93
N PHE D 42 -2.58 -13.76 13.66
CA PHE D 42 -2.71 -15.09 13.06
C PHE D 42 -4.04 -15.76 13.41
N LEU D 43 -4.39 -15.74 14.70
CA LEU D 43 -5.62 -16.37 15.19
C LEU D 43 -6.13 -15.75 16.51
N SER D 44 -7.41 -15.40 16.56
CA SER D 44 -8.05 -14.94 17.79
C SER D 44 -8.36 -16.18 18.65
N VAL D 45 -7.92 -16.17 19.91
CA VAL D 45 -8.08 -17.32 20.80
C VAL D 45 -8.78 -16.96 22.10
N LYS D 46 -9.50 -17.93 22.66
CA LYS D 46 -10.20 -17.78 23.93
C LYS D 46 -9.25 -17.83 25.13
N GLU D 47 -8.17 -18.60 25.02
CA GLU D 47 -7.16 -18.70 26.07
C GLU D 47 -5.75 -18.76 25.48
N PRO D 48 -4.72 -18.47 26.29
CA PRO D 48 -3.35 -18.48 25.77
C PRO D 48 -2.88 -19.84 25.27
N LEU D 49 -2.05 -19.84 24.24
CA LEU D 49 -1.34 -21.03 23.81
C LEU D 49 -0.08 -21.17 24.67
N GLN D 50 0.16 -22.39 25.15
CA GLN D 50 1.44 -22.71 25.77
C GLN D 50 1.79 -24.19 25.55
N LEU D 51 2.76 -24.41 24.69
CA LEU D 51 3.23 -25.75 24.34
C LEU D 51 3.82 -26.46 25.55
N PRO D 52 3.79 -27.81 25.54
CA PRO D 52 4.50 -28.57 26.58
C PRO D 52 5.95 -28.12 26.74
N ARG D 53 6.47 -28.26 27.95
CA ARG D 53 7.77 -27.68 28.34
C ARG D 53 8.96 -28.17 27.53
N GLU D 54 8.83 -29.39 27.01
CA GLU D 54 9.94 -30.15 26.44
C GLU D 54 9.81 -30.28 24.92
N LYS D 55 8.87 -29.54 24.34
CA LYS D 55 8.72 -29.44 22.91
C LYS D 55 8.94 -27.98 22.51
N LYS D 56 8.97 -27.73 21.20
CA LYS D 56 9.04 -26.36 20.68
C LYS D 56 8.23 -26.26 19.38
N LEU D 57 7.89 -25.03 19.00
CA LEU D 57 6.97 -24.78 17.88
C LEU D 57 7.30 -25.57 16.63
N THR D 58 8.58 -25.60 16.26
CA THR D 58 9.02 -26.24 15.02
C THR D 58 8.85 -27.77 15.03
N ASP D 59 8.52 -28.36 16.18
CA ASP D 59 8.11 -29.78 16.21
C ASP D 59 6.74 -29.97 15.55
N TYR D 60 5.92 -28.92 15.58
CA TYR D 60 4.51 -29.00 15.17
C TYR D 60 4.17 -28.25 13.87
N PHE D 61 5.10 -27.41 13.40
CA PHE D 61 4.76 -26.29 12.52
C PHE D 61 5.86 -26.07 11.49
N THR D 62 5.55 -26.28 10.21
CA THR D 62 6.50 -25.96 9.14
C THR D 62 5.97 -24.78 8.33
N ILE D 63 6.87 -23.86 8.01
CA ILE D 63 6.51 -22.64 7.29
C ILE D 63 7.25 -22.61 5.96
N ASP D 64 6.53 -22.25 4.89
CA ASP D 64 7.16 -22.07 3.60
C ASP D 64 6.64 -20.78 2.92
N VAL D 65 7.55 -19.83 2.72
CA VAL D 65 7.22 -18.56 2.06
C VAL D 65 7.42 -18.71 0.55
N GLU D 66 6.42 -18.30 -0.25
CA GLU D 66 6.41 -18.60 -1.69
C GLU D 66 5.76 -17.45 -2.52
N PRO D 67 6.39 -17.05 -3.64
CA PRO D 67 5.80 -16.00 -4.48
C PRO D 67 4.53 -16.48 -5.16
N ALA D 68 3.50 -15.64 -5.21
CA ALA D 68 2.24 -16.01 -5.82
C ALA D 68 1.82 -15.05 -6.93
N GLY D 69 2.76 -14.23 -7.41
CA GLY D 69 2.51 -13.32 -8.54
C GLY D 69 3.73 -12.46 -8.80
N HIS D 70 3.56 -11.35 -9.50
CA HIS D 70 4.69 -10.47 -9.81
C HIS D 70 5.00 -9.54 -8.64
N SER D 71 4.25 -9.63 -7.55
CA SER D 71 4.50 -8.79 -6.39
C SER D 71 4.12 -9.39 -5.02
N LEU D 72 3.10 -10.24 -4.98
CA LEU D 72 2.56 -10.77 -3.73
C LEU D 72 3.17 -12.11 -3.38
N VAL D 73 3.20 -12.38 -2.08
CA VAL D 73 3.83 -13.55 -1.51
C VAL D 73 2.86 -14.17 -0.49
N ASN D 74 2.80 -15.50 -0.46
CA ASN D 74 2.01 -16.22 0.53
C ASN D 74 2.94 -16.95 1.49
N ILE D 75 2.46 -17.22 2.69
CA ILE D 75 3.14 -18.13 3.58
C ILE D 75 2.29 -19.39 3.68
N TYR D 76 2.84 -20.49 3.21
CA TYR D 76 2.21 -21.80 3.33
C TYR D 76 2.70 -22.44 4.62
N PHE D 77 1.85 -23.25 5.24
CA PHE D 77 2.27 -23.98 6.43
C PHE D 77 1.52 -25.27 6.68
N GLN D 78 2.21 -26.18 7.37
CA GLN D 78 1.71 -27.48 7.68
C GLN D 78 1.65 -27.60 9.19
N ILE D 79 0.51 -28.01 9.71
CA ILE D 79 0.26 -28.06 11.14
C ILE D 79 0.02 -29.51 11.58
N ASP D 80 0.93 -30.05 12.40
CA ASP D 80 0.77 -31.37 13.03
C ASP D 80 -0.61 -31.47 13.69
N ASP D 81 -1.10 -32.70 13.86
CA ASP D 81 -2.47 -32.93 14.39
C ASP D 81 -2.71 -32.46 15.83
N PHE D 82 -1.69 -32.55 16.69
CA PHE D 82 -1.81 -32.11 18.10
C PHE D 82 -1.97 -30.60 18.21
N LEU D 83 -1.20 -29.86 17.41
CA LEU D 83 -1.28 -28.41 17.43
C LEU D 83 -2.60 -27.92 16.81
N LEU D 84 -3.10 -28.71 15.86
CA LEU D 84 -4.35 -28.41 15.15
C LEU D 84 -5.59 -28.57 16.03
N LEU D 85 -5.65 -29.67 16.77
CA LEU D 85 -6.74 -29.89 17.73
C LEU D 85 -6.66 -28.88 18.87
N THR D 86 -5.45 -28.51 19.25
CA THR D 86 -5.24 -27.51 20.30
C THR D 86 -5.67 -26.12 19.85
N LEU D 87 -5.19 -25.69 18.68
CA LEU D 87 -5.55 -24.38 18.15
C LEU D 87 -7.04 -24.30 17.83
N ASN D 88 -7.63 -25.38 17.33
CA ASN D 88 -9.07 -25.38 17.03
C ASN D 88 -9.97 -25.31 18.27
N SER D 89 -9.47 -25.74 19.42
CA SER D 89 -10.22 -25.64 20.68
C SER D 89 -10.15 -24.23 21.25
N LEU D 90 -8.97 -23.62 21.19
CA LEU D 90 -8.79 -22.24 21.68
C LEU D 90 -9.38 -21.16 20.76
N SER D 91 -9.54 -21.49 19.48
CA SER D 91 -9.99 -20.51 18.48
C SER D 91 -11.38 -19.96 18.78
N VAL D 92 -11.55 -18.65 18.58
CA VAL D 92 -12.85 -18.01 18.75
C VAL D 92 -13.73 -18.33 17.55
N TYR D 93 -13.24 -18.02 16.35
CA TYR D 93 -13.89 -18.50 15.13
C TYR D 93 -13.86 -20.02 15.19
N LYS D 94 -14.92 -20.65 14.71
CA LYS D 94 -15.10 -22.10 14.90
C LYS D 94 -14.25 -22.96 13.96
N ASP D 95 -13.23 -23.60 14.55
CA ASP D 95 -12.40 -24.61 13.87
C ASP D 95 -11.84 -24.19 12.50
N PRO D 96 -11.19 -23.02 12.43
CA PRO D 96 -10.69 -22.55 11.14
C PRO D 96 -9.46 -23.32 10.65
N ILE D 97 -8.75 -23.97 11.56
CA ILE D 97 -7.43 -24.53 11.28
C ILE D 97 -7.45 -25.94 10.68
N ARG D 98 -6.70 -26.07 9.58
CA ARG D 98 -6.51 -27.32 8.85
C ARG D 98 -5.02 -27.67 8.81
N LYS D 99 -4.72 -28.88 8.33
CA LYS D 99 -3.35 -29.36 8.18
C LYS D 99 -2.54 -28.58 7.12
N TYR D 100 -3.20 -28.24 6.01
CA TYR D 100 -2.55 -27.54 4.90
C TYR D 100 -3.19 -26.18 4.69
N MET D 101 -2.41 -25.11 4.83
CA MET D 101 -2.94 -23.75 4.77
C MET D 101 -1.96 -22.76 4.15
N PHE D 102 -2.47 -21.58 3.82
CA PHE D 102 -1.61 -20.45 3.50
C PHE D 102 -2.23 -19.15 4.01
N LEU D 103 -1.40 -18.12 4.13
CA LEU D 103 -1.87 -16.77 4.35
C LEU D 103 -1.11 -15.79 3.46
N ARG D 104 -1.77 -14.68 3.16
CA ARG D 104 -1.22 -13.68 2.25
C ARG D 104 -0.52 -12.58 3.02
N LEU D 105 0.65 -12.18 2.54
CA LEU D 105 1.35 -11.01 3.05
C LEU D 105 0.91 -9.78 2.26
N ASN D 106 1.07 -8.58 2.83
CA ASN D 106 0.68 -7.35 2.12
C ASN D 106 1.74 -6.91 1.10
N LYS D 107 1.54 -5.77 0.45
CA LYS D 107 2.51 -5.31 -0.55
C LYS D 107 3.95 -5.16 0.02
N GLU D 108 4.08 -4.78 1.30
CA GLU D 108 5.39 -4.41 1.88
C GLU D 108 6.12 -5.60 2.51
N GLN D 109 5.39 -6.37 3.31
CA GLN D 109 5.76 -7.72 3.75
C GLN D 109 6.31 -8.59 2.61
N SER D 110 5.61 -8.56 1.47
CA SER D 110 6.01 -9.32 0.28
C SER D 110 7.40 -8.91 -0.17
N LYS D 111 7.53 -7.64 -0.56
CA LYS D 111 8.82 -7.03 -0.89
C LYS D 111 9.94 -7.41 0.05
N TRP D 112 9.65 -7.37 1.35
CA TRP D 112 10.60 -7.75 2.40
C TRP D 112 10.97 -9.22 2.19
N ALA D 113 9.95 -10.08 2.10
CA ALA D 113 10.11 -11.49 1.78
C ALA D 113 10.93 -11.74 0.49
N ILE D 114 10.61 -11.02 -0.59
CA ILE D 114 11.39 -11.14 -1.84
C ILE D 114 12.84 -10.76 -1.60
N ASN D 115 13.05 -9.67 -0.88
CA ASN D 115 14.39 -9.17 -0.62
C ASN D 115 15.23 -10.19 0.15
N ALA D 116 14.57 -11.04 0.94
CA ALA D 116 15.26 -12.05 1.73
C ALA D 116 15.41 -13.38 0.98
N ALA D 117 15.08 -13.39 -0.31
CA ALA D 117 15.07 -14.64 -1.06
C ALA D 117 14.25 -15.67 -0.31
N PHE D 118 13.17 -15.21 0.31
CA PHE D 118 12.19 -16.05 1.03
C PHE D 118 12.74 -16.91 2.16
N ASN D 119 13.94 -16.59 2.62
CA ASN D 119 14.59 -17.40 3.63
C ASN D 119 14.18 -16.94 5.02
N VAL D 120 13.49 -17.82 5.74
CA VAL D 120 13.07 -17.57 7.12
C VAL D 120 14.13 -18.12 8.06
N PHE D 121 14.63 -17.27 8.96
CA PHE D 121 15.61 -17.71 9.97
C PHE D 121 14.92 -18.31 11.19
N SER D 122 13.81 -17.70 11.61
CA SER D 122 13.02 -18.21 12.73
C SER D 122 11.57 -17.75 12.66
N TYR D 123 10.74 -18.32 13.52
CA TYR D 123 9.36 -17.89 13.70
C TYR D 123 8.79 -18.40 15.02
N ARG D 124 7.80 -17.66 15.55
CA ARG D 124 7.18 -17.97 16.82
C ARG D 124 5.71 -17.55 16.87
N LEU D 125 5.05 -17.92 17.96
CA LEU D 125 3.67 -17.57 18.21
C LEU D 125 3.56 -16.98 19.61
N ARG D 126 3.06 -15.74 19.66
CA ARG D 126 3.08 -14.96 20.88
C ARG D 126 1.66 -14.56 21.27
N ASN D 127 1.37 -14.68 22.56
CA ASN D 127 0.07 -14.28 23.10
C ASN D 127 0.04 -12.77 23.34
N ILE D 128 -0.94 -12.11 22.74
CA ILE D 128 -1.14 -10.67 22.94
C ILE D 128 -2.46 -10.50 23.64
N GLY D 129 -2.41 -9.93 24.85
CA GLY D 129 -3.63 -9.61 25.60
C GLY D 129 -4.40 -8.48 24.95
N VAL D 130 -5.51 -8.10 25.58
CA VAL D 130 -6.47 -7.19 24.94
C VAL D 130 -6.50 -5.83 25.63
N GLY D 131 -7.09 -4.86 24.94
CA GLY D 131 -7.23 -3.50 25.46
C GLY D 131 -8.30 -3.32 26.54
N PRO D 132 -8.56 -2.06 26.92
CA PRO D 132 -9.53 -1.67 27.96
C PRO D 132 -11.01 -1.86 27.59
N LEU D 133 -11.33 -1.78 26.30
CA LEU D 133 -12.69 -2.00 25.81
C LEU D 133 -12.88 -3.40 25.23
N GLY D 134 -11.77 -4.14 25.10
CA GLY D 134 -11.78 -5.51 24.59
C GLY D 134 -12.98 -6.37 24.98
N PRO D 135 -13.17 -6.61 26.28
CA PRO D 135 -14.32 -7.42 26.72
C PRO D 135 -15.69 -6.82 26.34
N ASP D 136 -15.77 -5.50 26.28
CA ASP D 136 -17.02 -4.83 25.93
C ASP D 136 -17.31 -4.91 24.44
N ILE D 137 -16.26 -4.87 23.63
CA ILE D 137 -16.39 -4.92 22.18
C ILE D 137 -17.00 -6.24 21.72
N ARG D 138 -16.43 -7.33 22.20
CA ARG D 138 -16.89 -8.69 21.84
C ARG D 138 -18.22 -9.08 22.51
N SER D 139 -18.51 -8.51 23.68
CA SER D 139 -19.71 -8.88 24.45
C SER D 139 -20.94 -8.10 24.02
N SER D 140 -20.73 -6.86 23.57
CA SER D 140 -21.82 -6.06 22.99
C SER D 140 -22.29 -6.70 21.70
#